data_6AWV
#
_entry.id   6AWV
#
_cell.length_a   177.519
_cell.length_b   52.232
_cell.length_c   56.449
_cell.angle_alpha   90.00
_cell.angle_beta   96.87
_cell.angle_gamma   90.00
#
_symmetry.space_group_name_H-M   'C 1 2 1'
#
loop_
_entity.id
_entity.type
_entity.pdbx_description
1 polymer 'Ara h 8 allergen'
2 non-polymer (2R,3R)-2-(3,4-dihydroxyphenyl)-3,4-dihydro-2H-chromene-3,5,7-triol
3 non-polymer 'BENZOIC ACID'
4 non-polymer 'SODIUM ION'
5 water water
#
_entity_poly.entity_id   1
_entity_poly.type   'polypeptide(L)'
_entity_poly.pdbx_seq_one_letter_code
;GVFTFEDEITSTVPPAKLYNAMKDADSITPKIIDDVKSVEIVEGNGGPGTIKKLTIVEDGETKFILHKVESIDEANYAYN
YSVVGGVALPPTAEKITFETKLVEGPNGGSIGKLTLKYHTKGDAKPDEEELKKGKAKGEGLFRAIEGYVLANPTQY
;
_entity_poly.pdbx_strand_id   A,B,C
#
loop_
_chem_comp.id
_chem_comp.type
_chem_comp.name
_chem_comp.formula
28E non-polymer (2R,3R)-2-(3,4-dihydroxyphenyl)-3,4-dihydro-2H-chromene-3,5,7-triol 'C15 H14 O6'
BEZ non-polymer 'BENZOIC ACID' 'C7 H6 O2'
NA non-polymer 'SODIUM ION' 'Na 1'
#
# COMPACT_ATOMS: atom_id res chain seq x y z
N GLY A 1 7.51 22.25 -16.21
CA GLY A 1 6.92 21.66 -17.44
C GLY A 1 6.16 20.36 -17.12
N VAL A 2 5.73 19.69 -18.18
CA VAL A 2 5.11 18.41 -18.04
C VAL A 2 5.78 17.40 -18.95
N PHE A 3 6.22 16.30 -18.37
CA PHE A 3 6.90 15.29 -19.15
C PHE A 3 5.96 14.15 -19.12
N THR A 4 5.62 13.64 -20.29
CA THR A 4 4.70 12.53 -20.38
C THR A 4 5.35 11.30 -20.95
N PHE A 5 5.15 10.19 -20.27
CA PHE A 5 5.68 8.89 -20.76
C PHE A 5 4.54 7.90 -20.91
N GLU A 6 4.57 7.11 -21.96
CA GLU A 6 3.51 6.11 -22.15
C GLU A 6 4.07 4.69 -22.29
N ASP A 7 3.37 3.73 -21.74
CA ASP A 7 3.86 2.37 -21.69
C ASP A 7 2.72 1.43 -21.75
N GLU A 8 3.01 0.19 -22.13
CA GLU A 8 2.01 -0.85 -22.23
C GLU A 8 2.52 -2.10 -21.57
N ILE A 9 1.61 -2.85 -20.97
CA ILE A 9 1.95 -4.14 -20.41
C ILE A 9 0.85 -5.12 -20.73
N THR A 10 1.14 -6.41 -20.65
CA THR A 10 0.14 -7.42 -21.04
C THR A 10 -0.15 -8.47 -19.97
N SER A 11 -1.36 -9.00 -20.02
CA SER A 11 -1.77 -10.01 -19.11
C SER A 11 -2.76 -10.93 -19.77
N THR A 12 -2.80 -12.17 -19.31
CA THR A 12 -3.81 -13.09 -19.82
C THR A 12 -5.18 -12.85 -19.17
N VAL A 13 -5.22 -12.10 -18.08
CA VAL A 13 -6.47 -11.88 -17.38
C VAL A 13 -7.35 -10.90 -18.15
N PRO A 14 -8.62 -11.20 -18.30
CA PRO A 14 -9.54 -10.33 -19.03
C PRO A 14 -9.63 -8.97 -18.35
N PRO A 15 -9.82 -7.87 -19.09
CA PRO A 15 -9.85 -6.61 -18.34
C PRO A 15 -10.90 -6.45 -17.24
N ALA A 16 -12.12 -6.91 -17.44
CA ALA A 16 -13.12 -6.76 -16.39
C ALA A 16 -12.70 -7.41 -15.06
N LYS A 17 -12.07 -8.56 -15.11
CA LYS A 17 -11.55 -9.18 -13.87
C LYS A 17 -10.45 -8.40 -13.26
N LEU A 18 -9.50 -7.96 -14.06
CA LEU A 18 -8.41 -7.19 -13.51
C LEU A 18 -8.89 -5.91 -12.85
N TYR A 19 -9.82 -5.25 -13.47
CA TYR A 19 -10.29 -4.00 -12.97
C TYR A 19 -11.01 -4.19 -11.65
N ASN A 20 -11.78 -5.25 -11.50
CA ASN A 20 -12.40 -5.51 -10.21
C ASN A 20 -11.39 -5.67 -9.12
N ALA A 21 -10.30 -6.33 -9.45
CA ALA A 21 -9.24 -6.50 -8.51
C ALA A 21 -8.54 -5.22 -8.19
N MET A 22 -8.40 -4.34 -9.16
CA MET A 22 -7.73 -3.04 -8.92
C MET A 22 -8.49 -2.24 -7.90
N LYS A 23 -9.78 -2.38 -7.89
CA LYS A 23 -10.54 -1.67 -6.92
C LYS A 23 -10.20 -2.09 -5.47
N ASP A 24 -9.58 -3.26 -5.32
CA ASP A 24 -9.13 -3.76 -4.02
C ASP A 24 -7.65 -3.65 -3.78
N ALA A 25 -7.01 -2.78 -4.52
CA ALA A 25 -5.59 -2.59 -4.37
C ALA A 25 -5.12 -2.20 -2.99
N ASP A 26 -5.90 -1.38 -2.27
CA ASP A 26 -5.50 -1.01 -0.91
C ASP A 26 -5.37 -2.28 -0.09
N SER A 27 -6.32 -3.17 -0.28
CA SER A 27 -6.30 -4.46 0.41
C SER A 27 -5.22 -5.42 -0.10
N ILE A 28 -5.04 -5.46 -1.41
CA ILE A 28 -4.12 -6.41 -2.06
C ILE A 28 -2.62 -6.10 -2.01
N THR A 29 -2.22 -4.87 -2.21
CA THR A 29 -0.81 -4.56 -2.33
C THR A 29 0.05 -4.83 -1.08
N PRO A 30 -0.49 -4.63 0.14
CA PRO A 30 0.38 -5.03 1.26
C PRO A 30 0.71 -6.53 1.35
N LYS A 31 -0.20 -7.36 0.91
CA LYS A 31 0.06 -8.82 0.82
C LYS A 31 1.12 -9.24 -0.20
N ILE A 32 0.99 -8.75 -1.41
CA ILE A 32 1.94 -9.12 -2.46
C ILE A 32 3.28 -8.38 -2.43
N ILE A 33 3.28 -7.09 -2.20
CA ILE A 33 4.52 -6.31 -2.26
C ILE A 33 5.15 -6.27 -0.88
N ASP A 34 6.41 -6.65 -0.84
CA ASP A 34 7.05 -6.90 0.40
C ASP A 34 7.12 -5.64 1.20
N ASP A 35 7.57 -4.58 0.53
CA ASP A 35 7.78 -3.32 1.19
C ASP A 35 6.52 -2.58 1.68
N VAL A 36 5.39 -2.73 1.00
CA VAL A 36 4.19 -2.05 1.44
C VAL A 36 3.62 -2.77 2.68
N LYS A 37 3.44 -2.05 3.78
CA LYS A 37 2.88 -2.58 4.99
C LYS A 37 1.41 -2.29 5.20
N SER A 38 0.96 -1.13 4.77
CA SER A 38 -0.48 -0.76 4.89
C SER A 38 -0.81 0.43 4.04
N VAL A 39 -2.10 0.57 3.77
CA VAL A 39 -2.60 1.66 2.96
C VAL A 39 -3.80 2.18 3.68
N GLU A 40 -3.77 3.44 4.06
CA GLU A 40 -4.84 3.98 4.86
C GLU A 40 -5.45 5.19 4.17
N ILE A 41 -6.77 5.27 4.19
CA ILE A 41 -7.47 6.42 3.68
C ILE A 41 -7.45 7.54 4.68
N VAL A 42 -6.68 8.59 4.40
CA VAL A 42 -6.62 9.75 5.31
C VAL A 42 -7.97 10.43 5.34
N GLU A 43 -8.56 10.60 4.17
CA GLU A 43 -9.91 11.18 4.05
C GLU A 43 -10.49 10.82 2.67
N GLY A 44 -11.80 10.87 2.56
CA GLY A 44 -12.45 10.54 1.29
C GLY A 44 -13.16 9.19 1.25
N ASN A 45 -14.02 9.03 0.26
CA ASN A 45 -14.84 7.82 0.08
C ASN A 45 -14.24 6.79 -0.88
N GLY A 46 -13.00 6.99 -1.28
CA GLY A 46 -12.31 6.10 -2.20
C GLY A 46 -12.40 6.58 -3.64
N GLY A 47 -13.25 7.57 -3.85
CA GLY A 47 -13.43 8.15 -5.13
C GLY A 47 -12.47 9.37 -5.29
N PRO A 48 -12.66 10.19 -6.35
CA PRO A 48 -11.79 11.37 -6.76
C PRO A 48 -11.59 12.37 -5.63
N GLY A 49 -10.35 12.69 -5.33
CA GLY A 49 -10.03 13.50 -4.20
C GLY A 49 -9.64 12.80 -2.92
N THR A 50 -9.81 11.49 -2.82
CA THR A 50 -9.43 10.74 -1.60
C THR A 50 -7.92 10.83 -1.42
N ILE A 51 -7.47 10.90 -0.19
CA ILE A 51 -6.07 10.98 0.10
C ILE A 51 -5.74 9.74 0.82
N LYS A 52 -4.68 9.07 0.41
CA LYS A 52 -4.26 7.84 1.01
C LYS A 52 -2.88 7.95 1.53
N LYS A 53 -2.58 7.25 2.61
CA LYS A 53 -1.24 7.22 3.15
C LYS A 53 -0.74 5.79 3.06
N LEU A 54 0.42 5.60 2.44
CA LEU A 54 0.99 4.26 2.28
C LEU A 54 2.17 4.19 3.19
N THR A 55 2.24 3.13 3.96
CA THR A 55 3.35 2.95 4.84
C THR A 55 4.27 1.88 4.26
N ILE A 56 5.53 2.21 4.08
CA ILE A 56 6.47 1.27 3.52
C ILE A 56 7.74 1.19 4.36
N VAL A 57 8.46 0.10 4.23
CA VAL A 57 9.72 -0.04 4.90
C VAL A 57 10.72 -0.25 3.81
N GLU A 58 11.66 0.67 3.69
CA GLU A 58 12.62 0.64 2.62
C GLU A 58 14.01 0.72 3.19
N ASP A 59 14.86 -0.21 2.80
CA ASP A 59 16.24 -0.21 3.29
C ASP A 59 16.26 -0.25 4.82
N GLY A 60 15.32 -0.97 5.42
CA GLY A 60 15.22 -1.03 6.88
C GLY A 60 14.70 0.26 7.51
N GLU A 61 14.09 1.13 6.70
CA GLU A 61 13.49 2.33 7.25
C GLU A 61 12.03 2.52 6.89
N THR A 62 11.22 2.85 7.89
CA THR A 62 9.82 3.10 7.64
C THR A 62 9.68 4.45 7.01
N LYS A 63 8.82 4.56 6.01
CA LYS A 63 8.58 5.83 5.29
C LYS A 63 7.14 5.89 4.89
N PHE A 64 6.68 7.04 4.45
CA PHE A 64 5.28 7.18 4.05
C PHE A 64 5.16 7.78 2.66
N ILE A 65 4.09 7.42 1.95
CA ILE A 65 3.85 8.04 0.66
C ILE A 65 2.44 8.53 0.64
N LEU A 66 2.19 9.64 -0.02
CA LEU A 66 0.86 10.21 -0.13
C LEU A 66 0.29 10.12 -1.53
N HIS A 67 -0.95 9.65 -1.64
CA HIS A 67 -1.61 9.53 -2.92
C HIS A 67 -2.87 10.29 -2.91
N LYS A 68 -3.24 10.77 -4.08
CA LYS A 68 -4.51 11.40 -4.23
C LYS A 68 -5.17 10.76 -5.44
N VAL A 69 -6.42 10.37 -5.31
CA VAL A 69 -7.11 9.77 -6.42
C VAL A 69 -7.60 10.89 -7.34
N GLU A 70 -7.25 10.83 -8.63
CA GLU A 70 -7.62 11.84 -9.60
C GLU A 70 -8.96 11.59 -10.25
N SER A 71 -9.18 10.39 -10.74
CA SER A 71 -10.39 10.11 -11.49
C SER A 71 -10.57 8.61 -11.61
N ILE A 72 -11.79 8.21 -11.91
CA ILE A 72 -12.15 6.83 -11.96
C ILE A 72 -13.17 6.68 -13.07
N ASP A 73 -12.98 5.73 -13.95
CA ASP A 73 -13.96 5.49 -15.00
C ASP A 73 -14.15 3.97 -15.19
N GLU A 74 -15.09 3.42 -14.45
CA GLU A 74 -15.25 1.99 -14.42
C GLU A 74 -15.67 1.45 -15.77
N ALA A 75 -16.57 2.13 -16.43
CA ALA A 75 -16.94 1.69 -17.75
C ALA A 75 -15.69 1.59 -18.63
N ASN A 76 -14.67 2.42 -18.36
CA ASN A 76 -13.41 2.39 -19.11
C ASN A 76 -12.21 1.72 -18.46
N TYR A 77 -12.46 1.02 -17.37
CA TYR A 77 -11.41 0.33 -16.65
C TYR A 77 -10.22 1.23 -16.36
N ALA A 78 -10.47 2.44 -15.86
CA ALA A 78 -9.38 3.36 -15.54
C ALA A 78 -9.30 3.79 -14.12
N TYR A 79 -8.10 3.85 -13.60
CA TYR A 79 -7.88 4.39 -12.27
C TYR A 79 -6.70 5.35 -12.36
N ASN A 80 -6.87 6.56 -11.85
CA ASN A 80 -5.80 7.55 -11.90
C ASN A 80 -5.50 8.08 -10.54
N TYR A 81 -4.23 8.14 -10.19
CA TYR A 81 -3.84 8.72 -8.97
C TYR A 81 -2.53 9.50 -9.09
N SER A 82 -2.25 10.36 -8.13
CA SER A 82 -1.07 11.16 -8.16
C SER A 82 -0.36 11.01 -6.88
N VAL A 83 0.95 11.10 -6.94
CA VAL A 83 1.77 11.15 -5.73
C VAL A 83 1.88 12.60 -5.38
N VAL A 84 1.49 12.94 -4.18
CA VAL A 84 1.46 14.32 -3.73
C VAL A 84 2.19 14.61 -2.42
N GLY A 85 2.80 13.61 -1.83
CA GLY A 85 3.74 13.82 -0.75
C GLY A 85 4.51 12.58 -0.45
N GLY A 86 5.53 12.69 0.40
CA GLY A 86 6.35 11.54 0.76
C GLY A 86 7.62 11.36 -0.06
N VAL A 87 8.32 10.29 0.25
CA VAL A 87 9.57 9.98 -0.40
C VAL A 87 9.47 9.81 -1.91
N ALA A 88 8.37 9.25 -2.37
CA ALA A 88 8.15 9.09 -3.80
C ALA A 88 8.16 10.40 -4.55
N LEU A 89 7.83 11.50 -3.88
CA LEU A 89 7.82 12.78 -4.57
C LEU A 89 9.16 13.48 -4.50
N PRO A 90 9.78 13.72 -5.71
CA PRO A 90 11.07 14.42 -5.59
C PRO A 90 10.90 15.89 -5.22
N PRO A 91 11.96 16.53 -4.74
CA PRO A 91 11.88 17.93 -4.33
C PRO A 91 11.50 18.87 -5.47
N THR A 92 12.01 18.59 -6.65
CA THR A 92 11.73 19.38 -7.85
C THR A 92 10.28 19.29 -8.36
N ALA A 93 9.69 18.11 -8.25
CA ALA A 93 8.36 17.85 -8.78
C ALA A 93 7.16 18.46 -8.02
N GLU A 94 6.21 18.97 -8.76
CA GLU A 94 4.96 19.45 -8.21
C GLU A 94 4.20 18.23 -7.83
N LYS A 95 4.17 17.26 -8.75
CA LYS A 95 3.24 16.15 -8.68
C LYS A 95 3.56 15.10 -9.76
N ILE A 96 3.24 13.84 -9.48
CA ILE A 96 3.50 12.80 -10.43
C ILE A 96 2.27 11.97 -10.61
N THR A 97 1.69 11.98 -11.78
CA THR A 97 0.47 11.29 -11.99
C THR A 97 0.67 9.99 -12.69
N PHE A 98 -0.05 8.95 -12.24
CA PHE A 98 -0.02 7.62 -12.88
C PHE A 98 -1.40 7.37 -13.36
N GLU A 99 -1.56 7.19 -14.65
CA GLU A 99 -2.85 6.84 -15.20
C GLU A 99 -2.80 5.37 -15.58
N THR A 100 -3.84 4.63 -15.27
CA THR A 100 -3.90 3.23 -15.67
C THR A 100 -5.13 2.99 -16.42
N LYS A 101 -5.04 2.41 -17.60
CA LYS A 101 -6.23 2.10 -18.36
C LYS A 101 -6.13 0.67 -18.84
N LEU A 102 -7.24 -0.06 -18.81
CA LEU A 102 -7.25 -1.42 -19.28
C LEU A 102 -8.09 -1.60 -20.53
N VAL A 103 -7.51 -2.30 -21.49
CA VAL A 103 -8.12 -2.56 -22.78
C VAL A 103 -8.09 -4.03 -23.04
N GLU A 104 -9.10 -4.51 -23.75
CA GLU A 104 -9.18 -5.93 -24.18
C GLU A 104 -8.01 -6.23 -25.09
N GLY A 105 -7.36 -7.33 -24.82
CA GLY A 105 -6.26 -7.77 -25.65
C GLY A 105 -6.80 -8.39 -26.94
N PRO A 106 -5.92 -8.59 -27.96
CA PRO A 106 -6.43 -9.31 -29.15
C PRO A 106 -6.97 -10.72 -28.84
N ASN A 107 -6.34 -11.41 -27.90
CA ASN A 107 -6.69 -12.81 -27.53
C ASN A 107 -7.53 -12.91 -26.23
N GLY A 108 -8.27 -11.86 -25.90
CA GLY A 108 -9.10 -11.86 -24.67
C GLY A 108 -8.34 -11.52 -23.39
N GLY A 109 -7.04 -11.27 -23.47
CA GLY A 109 -6.32 -10.91 -22.29
C GLY A 109 -6.53 -9.43 -22.10
N SER A 110 -5.53 -8.78 -21.53
CA SER A 110 -5.61 -7.36 -21.23
C SER A 110 -4.37 -6.66 -21.66
N ILE A 111 -4.55 -5.41 -22.03
CA ILE A 111 -3.41 -4.56 -22.23
C ILE A 111 -3.56 -3.45 -21.22
N GLY A 112 -2.51 -3.21 -20.46
CA GLY A 112 -2.52 -2.09 -19.50
C GLY A 112 -1.82 -0.94 -20.15
N LYS A 113 -2.53 0.16 -20.35
CA LYS A 113 -1.91 1.35 -20.87
C LYS A 113 -1.57 2.23 -19.69
N LEU A 114 -0.31 2.49 -19.52
CA LEU A 114 0.17 3.23 -18.35
C LEU A 114 0.72 4.55 -18.79
N THR A 115 0.21 5.63 -18.26
CA THR A 115 0.75 6.94 -18.61
C THR A 115 1.31 7.59 -17.39
N LEU A 116 2.52 8.11 -17.50
CA LEU A 116 3.11 8.78 -16.38
C LEU A 116 3.35 10.25 -16.72
N LYS A 117 2.87 11.14 -15.88
CA LYS A 117 3.03 12.57 -16.14
C LYS A 117 3.77 13.19 -14.99
N TYR A 118 4.91 13.74 -15.29
CA TYR A 118 5.73 14.32 -14.30
C TYR A 118 5.63 15.86 -14.40
N HIS A 119 5.07 16.48 -13.36
CA HIS A 119 4.91 17.93 -13.37
C HIS A 119 6.05 18.52 -12.61
N THR A 120 6.87 19.33 -13.25
CA THR A 120 8.03 19.91 -12.56
C THR A 120 7.75 21.33 -12.15
N LYS A 121 8.31 21.74 -11.03
CA LYS A 121 8.21 23.14 -10.57
C LYS A 121 9.14 24.03 -11.36
N GLY A 122 8.56 25.00 -12.05
CA GLY A 122 9.35 25.93 -12.83
C GLY A 122 10.11 25.22 -13.94
N ASP A 123 11.42 25.40 -13.98
CA ASP A 123 12.23 24.86 -15.07
C ASP A 123 13.10 23.77 -14.60
N ALA A 124 12.80 23.25 -13.42
CA ALA A 124 13.63 22.22 -12.88
C ALA A 124 13.56 20.99 -13.81
N LYS A 125 14.64 20.24 -13.80
CA LYS A 125 14.76 19.04 -14.61
C LYS A 125 14.28 17.83 -13.81
N PRO A 126 13.58 16.87 -14.45
CA PRO A 126 13.17 15.68 -13.69
C PRO A 126 14.36 14.82 -13.35
N ASP A 127 14.32 14.17 -12.18
CA ASP A 127 15.37 13.23 -11.79
C ASP A 127 15.28 11.92 -12.57
N GLU A 128 16.42 11.50 -13.13
CA GLU A 128 16.49 10.29 -13.91
C GLU A 128 16.19 9.17 -12.96
N GLU A 129 16.74 9.28 -11.76
CA GLU A 129 16.58 8.26 -10.79
C GLU A 129 15.12 8.04 -10.51
N GLU A 130 14.40 9.12 -10.33
CA GLU A 130 12.98 8.98 -10.01
C GLU A 130 12.18 8.35 -11.12
N LEU A 131 12.52 8.69 -12.35
CA LEU A 131 11.82 8.14 -13.48
C LEU A 131 12.03 6.64 -13.55
N LYS A 132 13.26 6.22 -13.36
CA LYS A 132 13.53 4.80 -13.39
C LYS A 132 12.71 4.16 -12.31
N LYS A 133 12.74 4.77 -11.13
CA LYS A 133 11.94 4.26 -10.03
C LYS A 133 10.51 4.37 -10.44
N GLY A 134 10.19 5.42 -11.17
CA GLY A 134 8.82 5.68 -11.60
C GLY A 134 8.21 4.66 -12.54
N LYS A 135 8.97 4.24 -13.54
CA LYS A 135 8.42 3.26 -14.47
C LYS A 135 8.17 1.94 -13.79
N ALA A 136 9.00 1.61 -12.80
CA ALA A 136 8.81 0.39 -12.07
C ALA A 136 7.52 0.39 -11.28
N LYS A 137 7.19 1.51 -10.66
CA LYS A 137 5.99 1.57 -9.87
C LYS A 137 4.77 1.29 -10.70
N GLY A 138 4.70 1.89 -11.88
CA GLY A 138 3.57 1.68 -12.81
C GLY A 138 3.36 0.23 -13.16
N GLU A 139 4.48 -0.47 -13.37
CA GLU A 139 4.48 -1.90 -13.66
C GLU A 139 4.17 -2.82 -12.46
N GLY A 140 4.84 -2.55 -11.34
CA GLY A 140 4.74 -3.36 -10.13
C GLY A 140 3.30 -3.49 -9.63
N LEU A 141 2.57 -2.37 -9.64
CA LEU A 141 1.19 -2.38 -9.24
C LEU A 141 0.43 -3.37 -10.08
N PHE A 142 0.61 -3.24 -11.37
CA PHE A 142 -0.11 -4.01 -12.32
C PHE A 142 0.19 -5.49 -12.10
N ARG A 143 1.46 -5.81 -11.92
CA ARG A 143 1.88 -7.16 -11.69
C ARG A 143 1.32 -7.67 -10.40
N ALA A 144 1.25 -6.79 -9.41
CA ALA A 144 0.76 -7.20 -8.10
C ALA A 144 -0.66 -7.62 -8.14
N ILE A 145 -1.46 -6.82 -8.80
CA ILE A 145 -2.85 -7.10 -8.95
C ILE A 145 -3.03 -8.35 -9.83
N GLU A 146 -2.22 -8.49 -10.86
CA GLU A 146 -2.33 -9.63 -11.76
C GLU A 146 -1.99 -10.95 -11.05
N GLY A 147 -0.90 -10.93 -10.28
CA GLY A 147 -0.41 -12.07 -9.60
C GLY A 147 -1.48 -12.56 -8.67
N TYR A 148 -2.09 -11.63 -7.97
CA TYR A 148 -3.09 -11.99 -7.01
C TYR A 148 -4.27 -12.64 -7.66
N VAL A 149 -4.70 -12.14 -8.82
CA VAL A 149 -5.87 -12.70 -9.47
C VAL A 149 -5.56 -14.11 -9.98
N LEU A 150 -4.37 -14.25 -10.56
CA LEU A 150 -3.98 -15.52 -11.06
C LEU A 150 -3.86 -16.54 -9.93
N ALA A 151 -3.41 -16.11 -8.77
CA ALA A 151 -3.24 -17.01 -7.66
C ALA A 151 -4.53 -17.32 -6.92
N ASN A 152 -5.58 -16.56 -7.14
CA ASN A 152 -6.85 -16.82 -6.49
C ASN A 152 -7.90 -16.89 -7.56
N PRO A 153 -7.88 -17.98 -8.35
CA PRO A 153 -8.76 -17.96 -9.50
C PRO A 153 -10.23 -17.82 -9.19
N THR A 154 -10.67 -18.40 -8.10
CA THR A 154 -12.08 -18.39 -7.77
C THR A 154 -12.62 -17.04 -7.30
N GLN A 155 -11.74 -16.13 -6.89
CA GLN A 155 -12.22 -14.90 -6.23
C GLN A 155 -12.82 -13.84 -7.12
N TYR A 156 -12.35 -13.71 -8.35
CA TYR A 156 -12.91 -12.67 -9.23
C TYR A 156 -13.73 -13.28 -10.31
N VAL B 2 -6.90 7.10 22.70
CA VAL B 2 -7.14 8.55 22.69
C VAL B 2 -6.87 9.22 24.02
N PHE B 3 -5.93 10.16 24.00
CA PHE B 3 -5.56 10.88 25.20
C PHE B 3 -5.96 12.31 24.93
N THR B 4 -6.66 12.90 25.86
CA THR B 4 -7.19 14.21 25.69
C THR B 4 -6.71 15.21 26.76
N PHE B 5 -6.24 16.37 26.31
CA PHE B 5 -5.86 17.42 27.23
C PHE B 5 -6.68 18.64 26.95
N GLU B 6 -7.33 19.24 27.96
CA GLU B 6 -8.13 20.46 27.76
C GLU B 6 -7.53 21.56 28.58
N ASP B 7 -7.45 22.74 27.99
CA ASP B 7 -6.76 23.84 28.59
C ASP B 7 -7.47 25.11 28.18
N GLU B 8 -7.24 26.19 28.92
CA GLU B 8 -7.81 27.51 28.56
C GLU B 8 -6.73 28.47 28.43
N ILE B 9 -6.89 29.45 27.56
CA ILE B 9 -5.90 30.55 27.50
C ILE B 9 -6.61 31.87 27.26
N THR B 10 -5.88 32.95 27.44
CA THR B 10 -6.51 34.28 27.36
C THR B 10 -5.81 35.21 26.41
N SER B 11 -6.57 36.16 25.87
CA SER B 11 -6.03 37.21 25.02
C SER B 11 -6.81 38.47 25.22
N THR B 12 -6.16 39.61 25.00
CA THR B 12 -6.86 40.87 25.07
C THR B 12 -7.60 41.16 23.76
N VAL B 13 -7.36 40.38 22.74
CA VAL B 13 -8.06 40.54 21.47
C VAL B 13 -9.46 39.92 21.48
N PRO B 14 -10.45 40.63 20.98
CA PRO B 14 -11.80 40.13 21.02
C PRO B 14 -11.94 38.93 20.09
N PRO B 15 -12.91 38.03 20.35
CA PRO B 15 -12.89 36.82 19.57
C PRO B 15 -13.12 36.97 18.10
N ALA B 16 -14.00 37.85 17.64
CA ALA B 16 -14.28 37.89 16.22
C ALA B 16 -13.01 38.21 15.43
N LYS B 17 -12.22 39.15 15.92
CA LYS B 17 -10.99 39.50 15.24
C LYS B 17 -10.00 38.37 15.23
N LEU B 18 -9.82 37.70 16.35
CA LEU B 18 -8.91 36.57 16.42
C LEU B 18 -9.32 35.48 15.46
N TYR B 19 -10.59 35.21 15.41
CA TYR B 19 -11.07 34.16 14.58
C TYR B 19 -10.86 34.49 13.11
N ASN B 20 -11.06 35.75 12.73
CA ASN B 20 -10.80 36.15 11.31
C ASN B 20 -9.37 35.88 10.90
N ALA B 21 -8.48 36.16 11.82
CA ALA B 21 -7.10 35.95 11.59
C ALA B 21 -6.77 34.48 11.46
N MET B 22 -7.40 33.65 12.26
CA MET B 22 -7.14 32.22 12.22
C MET B 22 -7.47 31.66 10.86
N LYS B 23 -8.49 32.21 10.23
CA LYS B 23 -8.85 31.80 8.90
C LYS B 23 -7.83 32.20 7.88
N ASP B 24 -6.91 33.07 8.23
CA ASP B 24 -5.88 33.52 7.31
C ASP B 24 -4.55 32.96 7.65
N ALA B 25 -4.53 31.94 8.48
CA ALA B 25 -3.27 31.37 8.89
C ALA B 25 -2.39 30.91 7.75
N ASP B 26 -2.97 30.40 6.68
CA ASP B 26 -2.15 30.01 5.51
C ASP B 26 -1.35 31.19 4.96
N SER B 27 -2.01 32.33 4.91
CA SER B 27 -1.41 33.58 4.49
C SER B 27 -0.41 34.19 5.52
N ILE B 28 -0.78 34.16 6.79
CA ILE B 28 -0.01 34.75 7.89
C ILE B 28 1.24 34.01 8.35
N THR B 29 1.21 32.69 8.46
CA THR B 29 2.32 32.00 9.07
C THR B 29 3.64 32.02 8.28
N PRO B 30 3.60 31.97 6.93
CA PRO B 30 4.94 32.09 6.27
C PRO B 30 5.64 33.45 6.45
N LYS B 31 4.87 34.52 6.58
CA LYS B 31 5.44 35.85 6.94
C LYS B 31 6.00 35.93 8.37
N ILE B 32 5.20 35.47 9.32
CA ILE B 32 5.55 35.53 10.72
C ILE B 32 6.61 34.56 11.17
N ILE B 33 6.54 33.34 10.67
CA ILE B 33 7.45 32.33 11.11
C ILE B 33 8.48 32.14 10.04
N ASP B 34 9.73 32.25 10.47
CA ASP B 34 10.80 32.20 9.53
C ASP B 34 10.88 30.87 8.78
N ASP B 35 10.83 29.80 9.55
CA ASP B 35 11.01 28.47 8.99
C ASP B 35 9.90 28.02 8.05
N VAL B 36 8.71 28.59 8.19
CA VAL B 36 7.63 28.25 7.30
C VAL B 36 7.74 28.99 5.98
N LYS B 37 8.00 28.25 4.92
CA LYS B 37 8.08 28.81 3.55
C LYS B 37 6.79 28.91 2.81
N SER B 38 5.91 27.93 2.93
CA SER B 38 4.64 28.03 2.23
C SER B 38 3.68 27.04 2.77
N VAL B 39 2.43 27.32 2.49
CA VAL B 39 1.36 26.46 2.91
C VAL B 39 0.59 26.19 1.65
N GLU B 40 0.50 24.93 1.23
CA GLU B 40 -0.16 24.62 -0.01
C GLU B 40 -1.32 23.67 0.22
N ILE B 41 -2.42 23.95 -0.44
CA ILE B 41 -3.57 23.10 -0.40
C ILE B 41 -3.41 21.98 -1.41
N VAL B 42 -3.30 20.73 -0.92
CA VAL B 42 -3.21 19.54 -1.71
C VAL B 42 -4.56 19.08 -2.26
N GLU B 43 -5.61 19.18 -1.45
CA GLU B 43 -6.99 18.77 -1.78
C GLU B 43 -7.98 19.61 -0.99
N GLY B 44 -9.07 20.01 -1.59
CA GLY B 44 -10.07 20.84 -0.94
C GLY B 44 -10.07 22.33 -1.28
N ASN B 45 -11.03 23.06 -0.73
CA ASN B 45 -11.25 24.48 -0.94
C ASN B 45 -10.93 25.44 0.21
N GLY B 46 -10.21 24.97 1.23
CA GLY B 46 -9.87 25.77 2.40
C GLY B 46 -10.80 25.58 3.58
N GLY B 47 -11.93 24.90 3.34
CA GLY B 47 -12.91 24.58 4.41
C GLY B 47 -12.62 23.25 5.06
N PRO B 48 -13.60 22.71 5.76
CA PRO B 48 -13.45 21.41 6.38
C PRO B 48 -13.05 20.41 5.34
N GLY B 49 -12.20 19.48 5.70
CA GLY B 49 -11.77 18.43 4.77
C GLY B 49 -10.56 18.77 3.91
N THR B 50 -10.06 19.99 4.04
CA THR B 50 -8.93 20.42 3.28
C THR B 50 -7.64 19.79 3.76
N ILE B 51 -6.76 19.44 2.84
CA ILE B 51 -5.48 18.84 3.18
C ILE B 51 -4.44 19.86 2.78
N LYS B 52 -3.55 20.18 3.70
CA LYS B 52 -2.56 21.20 3.45
C LYS B 52 -1.20 20.64 3.65
N LYS B 53 -0.25 21.17 2.93
CA LYS B 53 1.12 20.77 3.07
C LYS B 53 1.91 22.00 3.44
N LEU B 54 2.61 21.91 4.55
CA LEU B 54 3.39 23.03 5.03
C LEU B 54 4.79 22.71 4.74
N THR B 55 5.48 23.61 4.11
CA THR B 55 6.86 23.38 3.78
C THR B 55 7.74 24.23 4.70
N ILE B 56 8.62 23.57 5.45
CA ILE B 56 9.44 24.28 6.41
C ILE B 56 10.90 23.97 6.16
N VAL B 57 11.78 24.91 6.43
CA VAL B 57 13.20 24.68 6.31
C VAL B 57 13.81 24.80 7.68
N GLU B 58 14.36 23.73 8.20
CA GLU B 58 14.95 23.72 9.56
C GLU B 58 16.40 23.32 9.47
N ASP B 59 17.26 24.13 10.07
CA ASP B 59 18.69 23.82 10.08
C ASP B 59 19.22 23.69 8.67
N GLY B 60 18.65 24.48 7.78
CA GLY B 60 19.04 24.43 6.38
C GLY B 60 18.51 23.18 5.71
N GLU B 61 17.58 22.50 6.38
CA GLU B 61 16.96 21.28 5.88
C GLU B 61 15.49 21.45 5.54
N THR B 62 15.05 20.97 4.39
CA THR B 62 13.64 21.05 4.02
C THR B 62 12.82 19.87 4.53
N LYS B 63 11.65 20.16 5.08
CA LYS B 63 10.74 19.14 5.61
C LYS B 63 9.30 19.51 5.34
N PHE B 64 8.39 18.56 5.52
CA PHE B 64 6.98 18.85 5.29
C PHE B 64 6.11 18.46 6.45
N ILE B 65 4.99 19.14 6.61
CA ILE B 65 3.99 18.73 7.58
C ILE B 65 2.64 18.65 6.91
N LEU B 66 1.80 17.71 7.30
CA LEU B 66 0.52 17.58 6.72
C LEU B 66 -0.61 17.87 7.66
N HIS B 67 -1.57 18.70 7.23
CA HIS B 67 -2.69 19.04 8.06
C HIS B 67 -3.96 18.70 7.40
N LYS B 68 -4.98 18.43 8.20
CA LYS B 68 -6.30 18.18 7.69
C LYS B 68 -7.25 19.01 8.50
N VAL B 69 -8.08 19.80 7.85
CA VAL B 69 -9.02 20.61 8.58
C VAL B 69 -10.22 19.73 8.91
N GLU B 70 -10.48 19.58 10.18
CA GLU B 70 -11.62 18.72 10.66
C GLU B 70 -12.97 19.41 10.60
N SER B 71 -13.05 20.64 11.07
CA SER B 71 -14.33 21.36 11.07
C SER B 71 -14.09 22.83 11.27
N ILE B 72 -15.04 23.61 10.80
CA ILE B 72 -14.99 25.06 10.96
C ILE B 72 -16.37 25.50 11.33
N ASP B 73 -16.50 26.09 12.50
CA ASP B 73 -17.76 26.58 12.97
C ASP B 73 -17.67 28.06 13.38
N GLU B 74 -18.03 28.93 12.47
CA GLU B 74 -17.96 30.37 12.73
C GLU B 74 -18.93 30.86 13.80
N ALA B 75 -20.07 30.20 13.92
CA ALA B 75 -21.02 30.52 14.98
C ALA B 75 -20.36 30.36 16.31
N ASN B 76 -19.44 29.44 16.45
CA ASN B 76 -18.74 29.31 17.71
C ASN B 76 -17.27 29.74 17.70
N TYR B 77 -16.82 30.48 16.70
CA TYR B 77 -15.39 30.80 16.58
C TYR B 77 -14.53 29.55 16.81
N ALA B 78 -14.82 28.49 16.08
CA ALA B 78 -14.05 27.26 16.22
C ALA B 78 -13.34 26.85 14.95
N TYR B 79 -12.11 26.38 15.11
CA TYR B 79 -11.31 25.85 14.01
C TYR B 79 -10.68 24.58 14.52
N ASN B 80 -10.84 23.48 13.84
CA ASN B 80 -10.21 22.24 14.27
C ASN B 80 -9.41 21.60 13.17
N TYR B 81 -8.23 21.13 13.49
CA TYR B 81 -7.41 20.50 12.48
C TYR B 81 -6.60 19.37 13.10
N SER B 82 -6.10 18.49 12.27
CA SER B 82 -5.27 17.41 12.72
C SER B 82 -3.98 17.34 11.94
N VAL B 83 -2.92 16.90 12.59
CA VAL B 83 -1.67 16.62 11.94
C VAL B 83 -1.79 15.19 11.51
N VAL B 84 -1.64 14.95 10.21
CA VAL B 84 -1.82 13.62 9.63
C VAL B 84 -0.65 13.05 8.85
N GLY B 85 0.45 13.80 8.79
CA GLY B 85 1.70 13.31 8.27
C GLY B 85 2.82 14.30 8.45
N GLY B 86 4.04 13.89 8.19
CA GLY B 86 5.22 14.77 8.30
C GLY B 86 5.96 14.66 9.61
N VAL B 87 6.98 15.47 9.72
CA VAL B 87 7.86 15.46 10.88
C VAL B 87 7.12 15.69 12.19
N ALA B 88 6.09 16.52 12.18
CA ALA B 88 5.23 16.76 13.36
C ALA B 88 4.51 15.51 13.92
N LEU B 89 4.27 14.48 13.11
CA LEU B 89 3.53 13.30 13.60
C LEU B 89 4.43 12.19 14.11
N PRO B 90 4.33 11.83 15.41
CA PRO B 90 5.24 10.73 15.83
C PRO B 90 4.81 9.35 15.31
N PRO B 91 5.76 8.39 15.24
CA PRO B 91 5.33 7.10 14.69
C PRO B 91 4.27 6.35 15.50
N THR B 92 4.26 6.50 16.81
CA THR B 92 3.27 5.82 17.64
C THR B 92 1.89 6.42 17.43
N ALA B 93 1.86 7.67 17.02
CA ALA B 93 0.60 8.35 16.79
C ALA B 93 -0.02 8.16 15.42
N GLU B 94 -1.32 7.97 15.39
CA GLU B 94 -1.98 7.90 14.11
C GLU B 94 -2.50 9.27 13.69
N LYS B 95 -2.64 10.22 14.63
CA LYS B 95 -3.17 11.54 14.32
C LYS B 95 -3.19 12.39 15.59
N ILE B 96 -2.98 13.69 15.44
CA ILE B 96 -3.02 14.59 16.57
C ILE B 96 -3.97 15.71 16.22
N THR B 97 -5.05 15.83 16.97
CA THR B 97 -6.04 16.84 16.68
C THR B 97 -5.92 17.98 17.62
N PHE B 98 -6.02 19.18 17.08
CA PHE B 98 -5.98 20.43 17.87
C PHE B 98 -7.29 21.10 17.69
N GLU B 99 -8.03 21.26 18.76
CA GLU B 99 -9.29 21.95 18.69
C GLU B 99 -9.15 23.34 19.31
N THR B 100 -9.74 24.34 18.69
CA THR B 100 -9.73 25.67 19.24
C THR B 100 -11.08 26.29 19.23
N LYS B 101 -11.52 26.79 20.37
CA LYS B 101 -12.79 27.47 20.45
C LYS B 101 -12.61 28.79 21.18
N LEU B 102 -13.21 29.84 20.64
CA LEU B 102 -13.06 31.19 21.23
C LEU B 102 -14.36 31.64 21.84
N VAL B 103 -14.24 32.21 23.03
CA VAL B 103 -15.34 32.78 23.72
C VAL B 103 -15.02 34.25 24.07
N GLU B 104 -16.05 35.09 24.10
CA GLU B 104 -15.88 36.47 24.60
C GLU B 104 -15.45 36.47 26.06
N GLY B 105 -14.43 37.26 26.36
CA GLY B 105 -13.94 37.37 27.73
C GLY B 105 -14.85 38.31 28.53
N PRO B 106 -14.69 38.36 29.86
CA PRO B 106 -15.53 39.32 30.61
C PRO B 106 -15.23 40.78 30.32
N ASN B 107 -13.96 41.08 30.07
CA ASN B 107 -13.49 42.45 29.87
C ASN B 107 -12.98 42.80 28.47
N GLY B 108 -13.75 42.47 27.45
CA GLY B 108 -13.40 42.88 26.08
C GLY B 108 -12.39 42.00 25.34
N GLY B 109 -11.85 40.96 25.97
CA GLY B 109 -10.94 40.04 25.33
C GLY B 109 -11.53 38.69 24.86
N SER B 110 -10.67 37.69 24.88
CA SER B 110 -11.04 36.37 24.45
C SER B 110 -10.57 35.32 25.43
N ILE B 111 -11.36 34.26 25.51
CA ILE B 111 -10.92 33.07 26.20
C ILE B 111 -10.83 32.03 25.16
N GLY B 112 -9.66 31.39 25.09
CA GLY B 112 -9.40 30.29 24.12
C GLY B 112 -9.49 28.94 24.83
N LYS B 113 -10.42 28.08 24.39
CA LYS B 113 -10.50 26.73 24.95
C LYS B 113 -9.74 25.87 24.01
N LEU B 114 -8.67 25.23 24.48
CA LEU B 114 -7.82 24.43 23.59
C LEU B 114 -7.85 22.96 23.96
N THR B 115 -8.20 22.11 23.00
CA THR B 115 -8.24 20.71 23.28
C THR B 115 -7.27 19.97 22.40
N LEU B 116 -6.47 19.08 22.97
CA LEU B 116 -5.56 18.31 22.18
C LEU B 116 -5.91 16.83 22.31
N LYS B 117 -6.05 16.13 21.19
CA LYS B 117 -6.40 14.74 21.24
C LYS B 117 -5.37 13.92 20.50
N TYR B 118 -4.71 13.06 21.24
CA TYR B 118 -3.64 12.26 20.72
C TYR B 118 -4.25 10.90 20.41
N HIS B 119 -4.21 10.52 19.15
CA HIS B 119 -4.75 9.25 18.75
C HIS B 119 -3.57 8.32 18.58
N THR B 120 -3.57 7.24 19.35
CA THR B 120 -2.45 6.31 19.29
C THR B 120 -2.81 5.12 18.44
N LYS B 121 -1.90 4.73 17.57
CA LYS B 121 -2.14 3.56 16.75
C LYS B 121 -2.22 2.42 17.73
N GLY B 122 -3.26 1.62 17.62
CA GLY B 122 -3.42 0.48 18.51
C GLY B 122 -3.61 0.82 19.97
N ASP B 123 -2.74 0.29 20.80
CA ASP B 123 -2.81 0.47 22.23
C ASP B 123 -1.44 0.86 22.75
N ALA B 124 -1.03 2.06 22.39
CA ALA B 124 0.24 2.59 22.81
C ALA B 124 -0.05 3.88 23.54
N LYS B 125 0.90 4.31 24.36
CA LYS B 125 0.76 5.51 25.16
C LYS B 125 1.71 6.61 24.73
N PRO B 126 1.19 7.83 24.64
CA PRO B 126 2.01 8.99 24.28
C PRO B 126 3.14 9.28 25.27
N ASP B 127 4.29 9.64 24.74
CA ASP B 127 5.44 10.01 25.54
C ASP B 127 5.20 11.35 26.26
N GLU B 128 5.65 11.47 27.49
CA GLU B 128 5.47 12.74 28.22
C GLU B 128 6.06 13.91 27.46
N GLU B 129 7.22 13.67 26.87
CA GLU B 129 7.82 14.65 26.01
C GLU B 129 6.83 15.02 24.94
N GLU B 130 6.14 14.02 24.42
CA GLU B 130 5.23 14.26 23.33
C GLU B 130 4.08 15.16 23.70
N LEU B 131 3.54 14.98 24.89
CA LEU B 131 2.47 15.84 25.35
C LEU B 131 3.02 17.26 25.44
N LYS B 132 4.22 17.39 25.98
CA LYS B 132 4.81 18.71 26.14
C LYS B 132 4.99 19.38 24.78
N LYS B 133 5.60 18.66 23.86
CA LYS B 133 5.88 19.24 22.56
C LYS B 133 4.55 19.57 21.94
N GLY B 134 3.55 18.74 22.20
CA GLY B 134 2.23 18.94 21.65
C GLY B 134 1.48 20.12 22.20
N LYS B 135 1.54 20.28 23.50
CA LYS B 135 0.85 21.39 24.13
C LYS B 135 1.47 22.71 23.68
N ALA B 136 2.78 22.72 23.46
CA ALA B 136 3.43 23.94 23.02
C ALA B 136 2.98 24.33 21.65
N LYS B 137 2.84 23.37 20.74
CA LYS B 137 2.41 23.70 19.37
C LYS B 137 1.02 24.35 19.37
N GLY B 138 0.09 23.74 20.10
CA GLY B 138 -1.28 24.28 20.23
C GLY B 138 -1.34 25.72 20.73
N GLU B 139 -0.51 26.02 21.73
CA GLU B 139 -0.39 27.36 22.29
C GLU B 139 0.28 28.31 21.34
N GLY B 140 1.37 27.86 20.73
CA GLY B 140 2.17 28.70 19.82
C GLY B 140 1.37 29.26 18.65
N LEU B 141 0.61 28.40 17.99
CA LEU B 141 -0.16 28.84 16.83
C LEU B 141 -1.02 30.01 17.21
N PHE B 142 -1.71 29.81 18.32
CA PHE B 142 -2.62 30.79 18.86
C PHE B 142 -1.85 32.07 19.15
N ARG B 143 -0.70 31.95 19.79
CA ARG B 143 0.08 33.12 20.11
C ARG B 143 0.61 33.80 18.85
N ALA B 144 0.95 33.00 17.88
CA ALA B 144 1.43 33.53 16.63
C ALA B 144 0.35 34.38 15.99
N ILE B 145 -0.84 33.85 15.93
CA ILE B 145 -1.93 34.55 15.29
C ILE B 145 -2.28 35.76 16.13
N GLU B 146 -2.18 35.66 17.45
CA GLU B 146 -2.50 36.77 18.31
C GLU B 146 -1.50 37.88 18.07
N GLY B 147 -0.24 37.50 17.95
CA GLY B 147 0.84 38.48 17.72
C GLY B 147 0.61 39.29 16.46
N TYR B 148 0.22 38.63 15.39
CA TYR B 148 -0.07 39.31 14.14
C TYR B 148 -1.21 40.29 14.27
N VAL B 149 -2.27 39.93 14.97
CA VAL B 149 -3.41 40.83 15.10
C VAL B 149 -3.04 42.06 15.93
N LEU B 150 -2.29 41.82 17.00
CA LEU B 150 -1.88 42.91 17.85
C LEU B 150 -0.98 43.87 17.09
N ALA B 151 -0.16 43.35 16.20
CA ALA B 151 0.73 44.18 15.47
C ALA B 151 0.06 44.83 14.30
N ASN B 152 -1.12 44.38 13.93
CA ASN B 152 -1.83 45.01 12.83
C ASN B 152 -3.20 45.44 13.31
N PRO B 153 -3.24 46.47 14.17
CA PRO B 153 -4.55 46.78 14.75
C PRO B 153 -5.67 47.18 13.78
N THR B 154 -5.32 47.94 12.77
CA THR B 154 -6.30 48.40 11.78
C THR B 154 -6.82 47.33 10.84
N GLN B 155 -6.08 46.26 10.68
CA GLN B 155 -6.33 45.32 9.60
C GLN B 155 -7.29 44.16 9.91
N TYR B 156 -7.76 44.00 11.16
CA TYR B 156 -8.99 43.17 11.41
C TYR B 156 -10.10 43.97 12.06
N GLY C 1 -1.91 -48.95 -7.93
CA GLY C 1 -1.52 -48.62 -9.32
C GLY C 1 -0.83 -47.26 -9.40
N VAL C 2 -0.26 -46.97 -10.56
CA VAL C 2 0.35 -45.66 -10.77
C VAL C 2 -0.19 -45.03 -12.04
N PHE C 3 -0.75 -43.84 -11.89
CA PHE C 3 -1.31 -43.13 -13.02
C PHE C 3 -0.46 -41.90 -13.23
N THR C 4 -0.02 -41.67 -14.45
CA THR C 4 0.92 -40.62 -14.74
C THR C 4 0.38 -39.59 -15.71
N PHE C 5 0.57 -38.32 -15.40
CA PHE C 5 0.10 -37.24 -16.26
C PHE C 5 1.16 -36.16 -16.45
N GLU C 6 1.06 -35.42 -17.54
CA GLU C 6 2.07 -34.43 -17.87
C GLU C 6 1.44 -33.08 -18.11
N ASP C 7 2.17 -32.05 -17.77
CA ASP C 7 1.68 -30.71 -18.07
C ASP C 7 2.78 -29.72 -18.17
N GLU C 8 2.49 -28.63 -18.85
CA GLU C 8 3.47 -27.57 -19.04
C GLU C 8 2.86 -26.21 -18.81
N ILE C 9 3.68 -25.28 -18.32
CA ILE C 9 3.24 -23.90 -18.05
C ILE C 9 4.34 -22.90 -18.42
N THR C 10 4.00 -21.68 -18.84
CA THR C 10 5.04 -20.71 -19.26
C THR C 10 5.12 -19.52 -18.35
N SER C 11 6.30 -18.91 -18.29
CA SER C 11 6.52 -17.67 -17.58
C SER C 11 7.57 -16.85 -18.29
N THR C 12 7.51 -15.53 -18.15
CA THR C 12 8.55 -14.69 -18.70
C THR C 12 9.79 -14.71 -17.79
N VAL C 13 9.64 -15.17 -16.57
CA VAL C 13 10.74 -15.14 -15.63
C VAL C 13 11.73 -16.22 -15.96
N PRO C 14 13.03 -15.87 -15.96
CA PRO C 14 14.00 -16.93 -16.26
C PRO C 14 14.06 -17.98 -15.20
N PRO C 15 14.46 -19.21 -15.59
CA PRO C 15 14.38 -20.28 -14.60
C PRO C 15 15.16 -20.11 -13.34
N ALA C 16 16.36 -19.56 -13.40
CA ALA C 16 17.13 -19.45 -12.16
C ALA C 16 16.41 -18.61 -11.12
N LYS C 17 15.83 -17.50 -11.53
CA LYS C 17 15.12 -16.67 -10.55
C LYS C 17 13.93 -17.39 -9.96
N LEU C 18 13.16 -18.05 -10.82
CA LEU C 18 11.98 -18.72 -10.37
C LEU C 18 12.32 -19.78 -9.36
N TYR C 19 13.32 -20.57 -9.71
CA TYR C 19 13.69 -21.66 -8.86
C TYR C 19 14.11 -21.06 -7.56
N ASN C 20 14.85 -19.97 -7.63
CA ASN C 20 15.28 -19.34 -6.44
C ASN C 20 14.10 -18.87 -5.64
N ALA C 21 13.05 -18.37 -6.27
CA ALA C 21 11.86 -17.98 -5.50
C ALA C 21 11.09 -19.14 -4.93
N MET C 22 11.13 -20.25 -5.65
CA MET C 22 10.44 -21.44 -5.20
C MET C 22 10.91 -21.87 -3.84
N LYS C 23 12.20 -21.73 -3.60
CA LYS C 23 12.77 -22.08 -2.28
C LYS C 23 12.08 -21.33 -1.14
N ASP C 24 11.43 -20.21 -1.41
CA ASP C 24 10.74 -19.41 -0.37
C ASP C 24 9.25 -19.56 -0.35
N ALA C 25 8.76 -20.58 -1.02
CA ALA C 25 7.34 -20.77 -1.12
C ALA C 25 6.66 -20.84 0.21
N ASP C 26 7.31 -21.43 1.22
CA ASP C 26 6.67 -21.56 2.51
C ASP C 26 6.36 -20.17 3.01
N SER C 27 7.30 -19.29 2.78
CA SER C 27 7.15 -17.91 3.21
C SER C 27 6.12 -17.14 2.37
N ILE C 28 6.18 -17.32 1.06
CA ILE C 28 5.37 -16.57 0.10
C ILE C 28 3.89 -16.92 -0.02
N THR C 29 3.55 -18.18 -0.05
CA THR C 29 2.19 -18.56 -0.38
C THR C 29 1.12 -18.12 0.62
N PRO C 30 1.40 -18.11 1.94
CA PRO C 30 0.30 -17.64 2.78
C PRO C 30 -0.03 -16.19 2.51
N LYS C 31 0.96 -15.41 2.13
CA LYS C 31 0.69 -14.00 1.79
C LYS C 31 -0.20 -13.87 0.60
N ILE C 32 0.18 -14.55 -0.47
CA ILE C 32 -0.56 -14.43 -1.74
C ILE C 32 -1.88 -15.15 -1.86
N ILE C 33 -1.93 -16.38 -1.40
CA ILE C 33 -3.12 -17.19 -1.60
C ILE C 33 -4.00 -16.98 -0.40
N ASP C 34 -5.25 -16.63 -0.65
CA ASP C 34 -6.11 -16.25 0.42
C ASP C 34 -6.34 -17.39 1.38
N ASP C 35 -6.60 -18.57 0.83
CA ASP C 35 -6.89 -19.75 1.63
C ASP C 35 -5.74 -20.36 2.43
N VAL C 36 -4.51 -20.27 1.98
CA VAL C 36 -3.38 -20.75 2.75
C VAL C 36 -3.08 -19.81 3.94
N LYS C 37 -3.18 -20.32 5.15
CA LYS C 37 -2.89 -19.55 6.39
C LYS C 37 -1.50 -19.71 6.92
N SER C 38 -0.92 -20.89 6.79
CA SER C 38 0.46 -21.10 7.23
C SER C 38 1.05 -22.38 6.65
N VAL C 39 2.37 -22.45 6.68
CA VAL C 39 3.06 -23.63 6.23
C VAL C 39 4.12 -23.89 7.28
N GLU C 40 4.09 -25.07 7.88
CA GLU C 40 5.04 -25.37 8.94
C GLU C 40 5.85 -26.61 8.63
N ILE C 41 7.14 -26.49 8.85
CA ILE C 41 8.04 -27.59 8.74
C ILE C 41 7.84 -28.41 9.97
N VAL C 42 7.13 -29.51 9.79
CA VAL C 42 6.92 -30.44 10.87
C VAL C 42 8.21 -31.22 11.20
N GLU C 43 8.97 -31.67 10.22
CA GLU C 43 10.19 -32.45 10.46
C GLU C 43 11.16 -32.21 9.31
N GLY C 44 12.44 -32.10 9.59
CA GLY C 44 13.44 -31.90 8.54
C GLY C 44 13.94 -30.49 8.39
N ASN C 45 14.88 -30.31 7.46
CA ASN C 45 15.68 -29.07 7.30
C ASN C 45 15.44 -28.29 6.01
N GLY C 46 14.33 -28.60 5.35
CA GLY C 46 13.99 -28.00 4.05
C GLY C 46 14.49 -28.79 2.84
N GLY C 47 15.36 -29.79 3.07
CA GLY C 47 15.82 -30.72 2.02
C GLY C 47 14.96 -31.98 1.88
N PRO C 48 15.44 -33.00 1.12
CA PRO C 48 14.76 -34.31 0.93
C PRO C 48 14.37 -34.98 2.24
N GLY C 49 13.12 -35.41 2.34
CA GLY C 49 12.58 -36.01 3.57
C GLY C 49 11.84 -35.07 4.51
N THR C 50 11.89 -33.75 4.25
CA THR C 50 11.16 -32.77 5.06
C THR C 50 9.66 -32.99 4.96
N ILE C 51 8.97 -32.81 6.07
CA ILE C 51 7.53 -32.87 6.11
C ILE C 51 7.02 -31.48 6.42
N LYS C 52 6.05 -31.03 5.63
CA LYS C 52 5.47 -29.71 5.80
C LYS C 52 3.98 -29.84 6.02
N LYS C 53 3.40 -28.95 6.80
CA LYS C 53 1.96 -28.99 7.05
C LYS C 53 1.38 -27.67 6.62
N LEU C 54 0.39 -27.72 5.76
CA LEU C 54 -0.23 -26.54 5.26
C LEU C 54 -1.58 -26.46 5.89
N THR C 55 -1.90 -25.32 6.43
CA THR C 55 -3.17 -25.13 7.05
C THR C 55 -3.96 -24.23 6.12
N ILE C 56 -5.16 -24.64 5.74
CA ILE C 56 -5.97 -23.87 4.83
C ILE C 56 -7.37 -23.75 5.36
N VAL C 57 -8.07 -22.70 4.97
CA VAL C 57 -9.43 -22.54 5.35
C VAL C 57 -10.23 -22.56 4.11
N GLU C 58 -11.13 -23.51 3.98
CA GLU C 58 -11.90 -23.71 2.77
C GLU C 58 -13.37 -23.67 3.07
N ASP C 59 -14.10 -22.78 2.39
CA ASP C 59 -15.54 -22.70 2.56
C ASP C 59 -15.87 -22.54 4.02
N GLY C 60 -15.03 -21.79 4.72
CA GLY C 60 -15.21 -21.57 6.16
C GLY C 60 -14.81 -22.75 7.03
N GLU C 61 -14.10 -23.71 6.44
CA GLU C 61 -13.64 -24.89 7.20
C GLU C 61 -12.15 -25.10 7.16
N THR C 62 -11.53 -25.25 8.32
CA THR C 62 -10.10 -25.43 8.35
C THR C 62 -9.76 -26.88 7.99
N LYS C 63 -8.68 -27.04 7.26
CA LYS C 63 -8.25 -28.33 6.81
C LYS C 63 -6.76 -28.33 6.75
N PHE C 64 -6.15 -29.48 6.58
CA PHE C 64 -4.69 -29.55 6.51
C PHE C 64 -4.21 -30.35 5.31
N ILE C 65 -3.01 -30.07 4.86
CA ILE C 65 -2.43 -30.86 3.79
C ILE C 65 -1.01 -31.20 4.21
N LEU C 66 -0.56 -32.38 3.85
CA LEU C 66 0.79 -32.77 4.18
C LEU C 66 1.64 -32.97 2.97
N HIS C 67 2.85 -32.44 3.01
CA HIS C 67 3.78 -32.57 1.92
C HIS C 67 5.05 -33.22 2.39
N LYS C 68 5.68 -33.97 1.53
CA LYS C 68 7.00 -34.50 1.82
C LYS C 68 7.86 -34.17 0.64
N VAL C 69 9.05 -33.67 0.91
CA VAL C 69 9.99 -33.34 -0.16
C VAL C 69 10.75 -34.59 -0.59
N GLU C 70 10.61 -34.95 -1.86
CA GLU C 70 11.20 -36.16 -2.40
C GLU C 70 12.66 -36.00 -2.82
N SER C 71 12.98 -34.99 -3.61
CA SER C 71 14.35 -34.80 -4.08
C SER C 71 14.54 -33.39 -4.58
N ILE C 72 15.80 -32.97 -4.68
CA ILE C 72 16.15 -31.61 -5.10
C ILE C 72 17.40 -31.50 -6.01
N ASP C 73 17.23 -31.65 -7.32
CA ASP C 73 18.38 -31.54 -8.20
C ASP C 73 18.48 -30.09 -8.72
N GLU C 74 19.31 -29.30 -8.10
CA GLU C 74 19.47 -27.88 -8.47
C GLU C 74 20.06 -27.65 -9.85
N ALA C 75 20.97 -28.51 -10.26
CA ALA C 75 21.56 -28.39 -11.59
C ALA C 75 20.46 -28.46 -12.62
N ASN C 76 19.38 -29.17 -12.31
CA ASN C 76 18.24 -29.18 -13.23
C ASN C 76 17.02 -28.29 -12.92
N TYR C 77 17.10 -27.45 -11.91
CA TYR C 77 15.97 -26.61 -11.55
C TYR C 77 14.75 -27.50 -11.35
N ALA C 78 14.97 -28.60 -10.63
CA ALA C 78 13.89 -29.55 -10.38
C ALA C 78 13.63 -29.77 -8.90
N TYR C 79 12.35 -29.78 -8.53
CA TYR C 79 11.91 -30.00 -7.16
C TYR C 79 10.86 -31.08 -7.24
N ASN C 80 10.83 -31.97 -6.25
CA ASN C 80 9.87 -33.08 -6.25
C ASN C 80 9.31 -33.23 -4.86
N TYR C 81 7.99 -33.24 -4.77
CA TYR C 81 7.35 -33.39 -3.49
C TYR C 81 6.11 -34.20 -3.68
N SER C 82 5.61 -34.72 -2.59
CA SER C 82 4.43 -35.53 -2.64
C SER C 82 3.43 -35.07 -1.63
N VAL C 83 2.16 -35.22 -1.95
CA VAL C 83 1.13 -35.03 -1.00
C VAL C 83 0.93 -36.37 -0.31
N VAL C 84 1.07 -36.38 1.00
CA VAL C 84 0.97 -37.62 1.75
C VAL C 84 -0.15 -37.66 2.74
N GLY C 85 -0.76 -36.55 3.04
CA GLY C 85 -1.89 -36.53 3.98
C GLY C 85 -2.74 -35.30 3.75
N GLY C 86 -3.99 -35.35 4.19
CA GLY C 86 -4.88 -34.17 4.10
C GLY C 86 -5.95 -34.21 3.02
N VAL C 87 -6.70 -33.12 2.91
CA VAL C 87 -7.83 -33.05 2.03
C VAL C 87 -7.35 -33.25 0.61
N ALA C 88 -6.13 -32.81 0.34
CA ALA C 88 -5.57 -32.96 -0.99
C ALA C 88 -5.37 -34.45 -1.31
N LEU C 89 -5.09 -35.31 -0.34
CA LEU C 89 -4.95 -36.72 -0.60
C LEU C 89 -6.29 -37.38 -0.57
N PRO C 90 -6.77 -37.94 -1.72
CA PRO C 90 -8.07 -38.62 -1.56
C PRO C 90 -7.89 -39.90 -0.76
N PRO C 91 -8.97 -40.42 -0.15
CA PRO C 91 -8.74 -41.62 0.65
C PRO C 91 -8.22 -42.83 -0.16
N THR C 92 -8.66 -42.96 -1.40
CA THR C 92 -8.18 -44.05 -2.26
C THR C 92 -6.70 -43.99 -2.57
N ALA C 93 -6.19 -42.79 -2.79
CA ALA C 93 -4.79 -42.61 -3.14
C ALA C 93 -3.94 -42.82 -1.92
N GLU C 94 -2.72 -43.27 -2.14
CA GLU C 94 -1.78 -43.35 -1.05
C GLU C 94 -0.80 -42.23 -1.08
N LYS C 95 -0.58 -41.67 -2.27
CA LYS C 95 0.37 -40.61 -2.43
C LYS C 95 0.23 -39.95 -3.79
N ILE C 96 0.46 -38.65 -3.85
CA ILE C 96 0.44 -37.94 -5.12
C ILE C 96 1.72 -37.17 -5.29
N THR C 97 2.51 -37.51 -6.31
CA THR C 97 3.79 -36.85 -6.53
C THR C 97 3.77 -35.85 -7.66
N PHE C 98 4.42 -34.73 -7.44
CA PHE C 98 4.53 -33.70 -8.45
C PHE C 98 5.99 -33.62 -8.80
N GLU C 99 6.32 -33.82 -10.05
CA GLU C 99 7.69 -33.75 -10.50
C GLU C 99 7.77 -32.45 -11.26
N THR C 100 8.58 -31.52 -10.78
CA THR C 100 8.66 -30.20 -11.39
C THR C 100 10.02 -29.88 -11.96
N LYS C 101 10.03 -29.43 -13.20
CA LYS C 101 11.27 -29.07 -13.85
C LYS C 101 11.14 -27.73 -14.53
N LEU C 102 12.16 -26.89 -14.40
CA LEU C 102 12.17 -25.57 -15.01
C LEU C 102 13.18 -25.58 -16.14
N VAL C 103 12.74 -25.20 -17.31
CA VAL C 103 13.60 -25.19 -18.47
C VAL C 103 13.64 -23.82 -19.10
N GLU C 104 14.82 -23.42 -19.55
CA GLU C 104 14.96 -22.11 -20.22
C GLU C 104 14.00 -22.08 -21.40
N GLY C 105 13.25 -20.99 -21.49
CA GLY C 105 12.29 -20.81 -22.57
C GLY C 105 13.02 -20.39 -23.85
N PRO C 106 12.31 -20.32 -24.99
CA PRO C 106 13.00 -19.77 -26.17
C PRO C 106 13.45 -18.30 -26.00
N ASN C 107 12.66 -17.49 -25.31
CA ASN C 107 12.87 -16.04 -25.20
C ASN C 107 13.31 -15.53 -23.80
N GLY C 108 14.19 -16.27 -23.14
CA GLY C 108 14.67 -15.89 -21.81
C GLY C 108 13.65 -16.05 -20.69
N GLY C 109 12.51 -16.66 -20.98
CA GLY C 109 11.57 -17.02 -19.93
C GLY C 109 11.81 -18.42 -19.38
N SER C 110 10.73 -19.02 -18.91
CA SER C 110 10.77 -20.35 -18.33
C SER C 110 9.63 -21.21 -18.87
N ILE C 111 9.92 -22.51 -18.97
CA ILE C 111 8.89 -23.48 -19.19
C ILE C 111 8.90 -24.38 -17.97
N GLY C 112 7.74 -24.53 -17.35
CA GLY C 112 7.57 -25.37 -16.16
C GLY C 112 6.95 -26.70 -16.54
N LYS C 113 7.69 -27.79 -16.34
CA LYS C 113 7.21 -29.13 -16.76
C LYS C 113 6.77 -29.90 -15.56
N LEU C 114 5.54 -30.35 -15.59
CA LEU C 114 4.99 -31.14 -14.47
C LEU C 114 4.74 -32.58 -14.85
N THR C 115 5.29 -33.50 -14.08
CA THR C 115 4.87 -34.86 -14.16
C THR C 115 4.19 -35.15 -12.83
N LEU C 116 2.94 -35.61 -12.90
CA LEU C 116 2.14 -35.91 -11.74
C LEU C 116 1.92 -37.39 -11.69
N LYS C 117 2.21 -37.99 -10.56
CA LYS C 117 2.06 -39.43 -10.44
C LYS C 117 1.12 -39.73 -9.32
N TYR C 118 0.03 -40.40 -9.64
CA TYR C 118 -0.98 -40.69 -8.67
C TYR C 118 -0.80 -42.16 -8.28
N HIS C 119 -0.45 -42.43 -7.02
CA HIS C 119 -0.27 -43.79 -6.51
C HIS C 119 -1.54 -44.20 -5.83
N THR C 120 -2.22 -45.21 -6.36
CA THR C 120 -3.50 -45.66 -5.78
C THR C 120 -3.26 -46.87 -4.90
N LYS C 121 -4.01 -46.94 -3.81
CA LYS C 121 -3.92 -48.11 -2.94
C LYS C 121 -4.66 -49.26 -3.63
N GLY C 122 -3.95 -50.35 -3.87
CA GLY C 122 -4.56 -51.51 -4.51
C GLY C 122 -4.94 -51.29 -5.95
N ASP C 123 -6.21 -51.56 -6.28
CA ASP C 123 -6.67 -51.49 -7.67
C ASP C 123 -7.52 -50.27 -7.94
N ALA C 124 -7.51 -49.31 -7.02
CA ALA C 124 -8.38 -48.14 -7.10
C ALA C 124 -7.93 -47.12 -8.17
N LYS C 125 -8.92 -46.46 -8.76
CA LYS C 125 -8.69 -45.44 -9.78
C LYS C 125 -8.64 -44.06 -9.13
N PRO C 126 -7.99 -43.09 -9.80
CA PRO C 126 -8.04 -41.71 -9.39
C PRO C 126 -9.31 -41.03 -9.83
N ASP C 127 -9.83 -40.18 -8.94
CA ASP C 127 -11.03 -39.42 -9.17
C ASP C 127 -10.76 -38.29 -10.14
N GLU C 128 -11.64 -38.14 -11.12
CA GLU C 128 -11.47 -37.06 -12.10
C GLU C 128 -11.47 -35.66 -11.46
N GLU C 129 -12.41 -35.46 -10.54
CA GLU C 129 -12.55 -34.19 -9.88
C GLU C 129 -11.36 -33.80 -9.02
N GLU C 130 -10.87 -34.73 -8.21
CA GLU C 130 -9.72 -34.43 -7.37
C GLU C 130 -8.51 -34.12 -8.20
N LEU C 131 -8.37 -34.81 -9.31
CA LEU C 131 -7.27 -34.58 -10.20
C LEU C 131 -7.33 -33.18 -10.76
N LYS C 132 -8.51 -32.82 -11.19
CA LYS C 132 -8.72 -31.52 -11.78
C LYS C 132 -8.42 -30.41 -10.77
N LYS C 133 -8.97 -30.56 -9.58
CA LYS C 133 -8.74 -29.56 -8.56
C LYS C 133 -7.27 -29.52 -8.23
N GLY C 134 -6.66 -30.69 -8.19
CA GLY C 134 -5.25 -30.78 -7.89
C GLY C 134 -4.39 -30.09 -8.89
N LYS C 135 -4.66 -30.29 -10.17
CA LYS C 135 -3.86 -29.64 -11.21
C LYS C 135 -4.08 -28.13 -11.17
N ALA C 136 -5.32 -27.73 -10.95
CA ALA C 136 -5.65 -26.32 -10.92
C ALA C 136 -5.03 -25.63 -9.73
N LYS C 137 -5.07 -26.25 -8.57
CA LYS C 137 -4.47 -25.63 -7.40
C LYS C 137 -2.99 -25.50 -7.63
N GLY C 138 -2.38 -26.51 -8.24
CA GLY C 138 -0.96 -26.51 -8.44
C GLY C 138 -0.53 -25.35 -9.29
N GLU C 139 -1.29 -25.10 -10.33
CA GLU C 139 -0.97 -23.99 -11.20
C GLU C 139 -0.90 -22.73 -10.38
N GLY C 140 -1.88 -22.61 -9.48
CA GLY C 140 -1.97 -21.48 -8.59
C GLY C 140 -0.66 -21.26 -7.89
N LEU C 141 -0.04 -22.33 -7.43
CA LEU C 141 1.24 -22.18 -6.75
C LEU C 141 2.22 -21.49 -7.64
N PHE C 142 2.30 -22.00 -8.85
CA PHE C 142 3.27 -21.55 -9.79
C PHE C 142 3.00 -20.07 -10.06
N ARG C 143 1.74 -19.73 -10.25
CA ARG C 143 1.37 -18.36 -10.50
C ARG C 143 1.65 -17.46 -9.29
N ALA C 144 1.48 -18.00 -8.11
CA ALA C 144 1.73 -17.26 -6.89
C ALA C 144 3.20 -16.85 -6.83
N ILE C 145 4.08 -17.82 -7.09
CA ILE C 145 5.48 -17.58 -6.98
C ILE C 145 5.86 -16.64 -8.08
N GLU C 146 5.28 -16.84 -9.26
CA GLU C 146 5.60 -16.00 -10.39
C GLU C 146 5.13 -14.57 -10.17
N GLY C 147 3.93 -14.40 -9.64
CA GLY C 147 3.35 -13.10 -9.39
C GLY C 147 4.23 -12.33 -8.43
N TYR C 148 4.70 -13.02 -7.41
CA TYR C 148 5.53 -12.38 -6.40
C TYR C 148 6.82 -11.91 -6.96
N VAL C 149 7.45 -12.68 -7.83
CA VAL C 149 8.69 -12.28 -8.41
C VAL C 149 8.50 -11.10 -9.31
N LEU C 150 7.44 -11.15 -10.12
CA LEU C 150 7.17 -10.08 -11.01
C LEU C 150 6.87 -8.78 -10.23
N ALA C 151 6.21 -8.92 -9.10
CA ALA C 151 5.81 -7.78 -8.32
C ALA C 151 6.92 -7.20 -7.46
N ASN C 152 7.99 -7.94 -7.21
CA ASN C 152 9.12 -7.41 -6.44
C ASN C 152 10.33 -7.63 -7.30
N PRO C 153 10.48 -6.82 -8.35
CA PRO C 153 11.58 -7.08 -9.30
C PRO C 153 12.98 -7.06 -8.73
N THR C 154 13.19 -6.23 -7.74
CA THR C 154 14.51 -6.14 -7.13
C THR C 154 14.90 -7.30 -6.24
N GLN C 155 13.94 -8.10 -5.80
CA GLN C 155 14.23 -9.16 -4.85
C GLN C 155 14.93 -10.42 -5.39
N TYR C 156 14.76 -10.74 -6.66
CA TYR C 156 15.49 -11.87 -7.25
C TYR C 156 16.13 -11.43 -8.59
OAB 28E D . 7.68 -1.98 -5.30
CAT 28E D . 6.89 -0.96 -4.93
CAK 28E D . 7.44 0.04 -4.16
CAY 28E D . 6.65 1.09 -3.77
OAG 28E D . 7.18 2.10 -3.01
CBD 28E D . 5.34 1.14 -4.15
CAP 28E D . 4.52 2.31 -3.68
CAN 28E D . 5.56 -0.93 -5.32
CBC 28E D . 4.77 0.13 -4.92
OAR 28E D . 3.43 0.22 -5.27
CBF 28E D . 2.55 0.86 -4.36
CBE 28E D . 3.12 2.27 -4.30
OAQ 28E D . 3.30 2.73 -5.62
CBA 28E D . 1.13 1.09 -4.67
CAO 28E D . 0.19 0.70 -3.74
CAV 28E D . -1.14 0.99 -3.99
OAD 28E D . -2.12 0.62 -3.16
CAU 28E D . -1.51 1.65 -5.11
OAC 28E D . -2.82 1.88 -5.31
CAI 28E D . -0.59 2.06 -6.03
CAJ 28E D . 0.75 1.79 -5.80
C BEZ E . 11.04 6.29 -18.91
O1 BEZ E . 11.60 6.45 -17.79
O2 BEZ E . 11.65 6.55 -19.96
C1 BEZ E . 9.61 5.81 -19.01
C2 BEZ E . 9.14 5.14 -20.16
C3 BEZ E . 7.81 4.71 -20.22
C4 BEZ E . 6.93 4.95 -19.14
C5 BEZ E . 7.38 5.62 -18.00
C6 BEZ E . 8.71 6.05 -17.95
NA NA F . 8.93 32.46 6.30
OAB 28E G . 7.86 22.00 13.47
CAT 28E G . 7.05 23.08 13.29
CAK 28E G . 7.66 24.33 13.35
CAY 28E G . 6.91 25.48 13.18
OAG 28E G . 7.56 26.66 13.25
CBD 28E G . 5.56 25.41 12.94
CAP 28E G . 4.78 26.66 12.81
CAN 28E G . 5.66 22.99 13.06
CBC 28E G . 4.92 24.18 12.89
OAR 28E G . 3.56 24.18 12.67
CBF 28E G . 2.73 25.26 13.16
CBE 28E G . 3.55 26.47 13.65
OAQ 28E G . 2.79 27.71 13.75
CBA 28E G . 1.85 25.78 12.13
CAO 28E G . 0.48 25.66 12.32
CAV 28E G . -0.37 26.18 11.37
OAD 28E G . -1.70 26.05 11.56
CAU 28E G . 0.12 26.81 10.24
OAC 28E G . -0.71 27.32 9.28
CAI 28E G . 1.48 26.93 10.08
CAJ 28E G . 2.37 26.42 11.03
NA NA H . -3.48 -16.28 3.29
OAB 28E I . -5.40 -21.27 -5.09
CAT 28E I . -5.00 -22.19 -4.19
CAK 28E I . -5.89 -22.70 -3.26
CAY 28E I . -5.46 -23.65 -2.35
OAG 28E I . -6.35 -24.15 -1.46
CBD 28E I . -4.15 -24.09 -2.36
CAP 28E I . -3.64 -25.13 -1.38
CAN 28E I . -3.68 -22.63 -4.20
CBC 28E I . -3.26 -23.58 -3.28
OAR 28E I . -1.95 -24.02 -3.26
CBF 28E I . -1.39 -24.34 -1.99
CBE 28E I . -2.21 -25.55 -1.64
OAQ 28E I . -2.11 -26.39 -2.80
CBA 28E I . 0.01 -24.68 -2.02
CAO 28E I . 0.82 -24.10 -1.06
CAV 28E I . 2.16 -24.40 -1.04
OAD 28E I . 2.96 -23.82 -0.10
CAU 28E I . 2.69 -25.28 -1.96
OAC 28E I . 4.03 -25.56 -1.92
CAI 28E I . 1.87 -25.88 -2.92
CAJ 28E I . 0.52 -25.58 -2.95
OAB 28E J . 2.93 -27.25 -15.83
CAT 28E J . 2.72 -27.23 -14.50
CAK 28E J . 1.41 -27.38 -14.03
CAY 28E J . 1.19 -27.35 -12.67
OAG 28E J . -0.07 -27.50 -12.17
CBD 28E J . 2.25 -27.20 -11.80
CAP 28E J . 1.98 -27.17 -10.31
CAN 28E J . 3.77 -27.06 -13.64
CBC 28E J . 3.54 -27.05 -12.27
OAR 28E J . 4.58 -26.88 -11.41
CBF 28E J . 4.35 -26.20 -10.17
CBE 28E J . 3.22 -26.93 -9.45
OAQ 28E J . 3.71 -28.18 -8.97
CBA 28E J . 5.59 -26.14 -9.37
CAO 28E J . 5.55 -26.18 -7.98
CAV 28E J . 6.69 -26.11 -7.23
OAD 28E J . 6.63 -26.17 -5.88
CAU 28E J . 7.92 -26.00 -7.85
OAC 28E J . 9.04 -25.93 -7.09
CAI 28E J . 7.98 -25.94 -9.23
CAJ 28E J . 6.82 -26.01 -10.00
#